data_1LED
#
_entry.id   1LED
#
_cell.length_a   78.900
_cell.length_b   78.900
_cell.length_c   89.100
_cell.angle_alpha   90.00
_cell.angle_beta   90.00
_cell.angle_gamma   90.00
#
_symmetry.space_group_name_H-M   'P 42 21 2'
#
loop_
_entity.id
_entity.type
_entity.pdbx_description
1 polymer 'WEST-CENTRAL AFRICAN LEGUME LECTIN IV'
2 branched 'alpha-L-fucopyranose-(1-2)-beta-D-galactopyranose-(1-3)-[alpha-L-fucopyranose-(1-4)]methyl 2-acetamido-2-deoxy-beta-D-glucopyranoside'
3 branched alpha-L-fucopyranose-(1-3)-[2-acetamido-2-deoxy-beta-D-glucopyranose-(1-4)]2-acetamido-2-deoxy-beta-D-glucopyranose
4 non-polymer 'MANGANESE (II) ION'
5 non-polymer 'CALCIUM ION'
6 non-polymer 'SULFATE ION'
7 water water
#
_entity_poly.entity_id   1
_entity_poly.type   'polypeptide(L)'
_entity_poly.pdbx_seq_one_letter_code
;(PCA)NTVNFTYPDFWSYSLKNGTEITFLGDATRIPGALQLTKTDANGNPVRSSAGQASYSEPVFLWDSTGKAASFYTSF
TFLLKNYGAPTADGLAFFLAPVDSSVKDYGGFLGLFRHETAADPSKNQVVAVEFDTWINKDWNDPPYPHIGIDVNSIVSV
ATTRWENDDAYGSSIATAHITYDARSKILTVLLSYEHGRDYILSHVVDLAKVLPQKVRIGFSAGVGYDEVTYILSWHFFS
TLDGTNK
;
_entity_poly.pdbx_strand_id   A
#
loop_
_chem_comp.id
_chem_comp.type
_chem_comp.name
_chem_comp.formula
CA non-polymer 'CALCIUM ION' 'Ca 2'
FUC L-saccharide, alpha linking alpha-L-fucopyranose 'C6 H12 O5'
GAL D-saccharide, beta linking beta-D-galactopyranose 'C6 H12 O6'
MAG D-saccharide 'methyl 2-acetamido-2-deoxy-beta-D-glucopyranoside' 'C9 H17 N O6'
MN non-polymer 'MANGANESE (II) ION' 'Mn 2'
NAG D-saccharide, beta linking 2-acetamido-2-deoxy-beta-D-glucopyranose 'C8 H15 N O6'
SO4 non-polymer 'SULFATE ION' 'O4 S -2'
#
# COMPACT_ATOMS: atom_id res chain seq x y z
N PCA A 1 -11.83 -15.85 -15.31
CA PCA A 1 -10.38 -16.07 -15.38
CB PCA A 1 -9.90 -15.01 -16.35
CG PCA A 1 -10.95 -13.94 -16.08
CD PCA A 1 -12.27 -14.63 -15.70
OE PCA A 1 -13.34 -14.02 -15.81
C PCA A 1 -9.56 -16.04 -14.07
O PCA A 1 -10.03 -15.56 -13.04
N ASN A 2 -8.32 -16.58 -14.05
CA ASN A 2 -7.48 -16.58 -12.83
C ASN A 2 -6.48 -15.44 -12.67
N THR A 3 -6.34 -14.64 -13.70
CA THR A 3 -5.38 -13.53 -13.65
C THR A 3 -6.08 -12.17 -13.75
N VAL A 4 -5.49 -11.09 -13.27
CA VAL A 4 -6.09 -9.75 -13.34
C VAL A 4 -5.26 -8.77 -14.19
N ASN A 5 -5.94 -7.93 -14.97
CA ASN A 5 -5.24 -6.92 -15.72
C ASN A 5 -6.04 -5.62 -15.81
N PHE A 6 -5.71 -4.56 -15.06
CA PHE A 6 -6.43 -3.30 -15.16
C PHE A 6 -5.48 -2.12 -15.15
N THR A 7 -5.98 -1.08 -15.79
CA THR A 7 -5.27 0.16 -15.86
C THR A 7 -6.17 1.37 -15.72
N TYR A 8 -5.85 2.21 -14.75
CA TYR A 8 -6.53 3.46 -14.53
C TYR A 8 -5.45 4.54 -14.72
N PRO A 9 -5.42 5.25 -15.88
CA PRO A 9 -4.39 6.23 -16.21
C PRO A 9 -4.43 7.49 -15.33
N ASP A 10 -5.62 7.73 -14.84
CA ASP A 10 -5.91 8.85 -13.96
C ASP A 10 -7.25 8.49 -13.30
N PHE A 11 -7.77 9.26 -12.34
CA PHE A 11 -9.10 8.98 -11.78
C PHE A 11 -10.08 10.18 -11.99
N TRP A 12 -10.00 10.86 -13.16
CA TRP A 12 -10.92 11.97 -13.45
C TRP A 12 -12.36 11.50 -13.66
N SER A 13 -12.56 10.17 -13.71
CA SER A 13 -13.89 9.54 -13.82
C SER A 13 -14.35 9.07 -12.43
N TYR A 14 -14.54 10.10 -11.64
CA TYR A 14 -14.95 9.96 -10.26
C TYR A 14 -16.38 9.57 -9.96
N SER A 15 -17.19 9.39 -10.98
CA SER A 15 -18.56 9.07 -10.68
C SER A 15 -18.90 7.60 -10.44
N LEU A 16 -18.00 6.60 -10.55
CA LEU A 16 -18.38 5.22 -10.27
C LEU A 16 -18.83 4.92 -8.84
N LYS A 17 -19.86 4.10 -8.72
CA LYS A 17 -20.35 3.73 -7.38
C LYS A 17 -19.39 2.90 -6.48
N ASN A 18 -19.32 3.25 -5.21
CA ASN A 18 -18.49 2.54 -4.24
C ASN A 18 -18.74 1.02 -4.31
N GLY A 19 -17.65 0.27 -4.34
CA GLY A 19 -17.73 -1.18 -4.39
C GLY A 19 -17.89 -1.76 -5.78
N THR A 20 -18.05 -1.01 -6.84
CA THR A 20 -18.16 -1.70 -8.12
C THR A 20 -16.75 -1.94 -8.68
N GLU A 21 -15.84 -0.94 -8.77
CA GLU A 21 -14.49 -1.22 -9.27
C GLU A 21 -13.46 -1.18 -8.15
N ILE A 22 -13.62 -0.11 -7.35
CA ILE A 22 -12.83 0.18 -6.18
C ILE A 22 -13.79 0.36 -4.99
N THR A 23 -13.37 -0.20 -3.87
CA THR A 23 -14.13 -0.13 -2.63
C THR A 23 -13.43 0.79 -1.69
N PHE A 24 -14.14 1.73 -1.10
CA PHE A 24 -13.54 2.65 -0.17
C PHE A 24 -13.98 2.28 1.24
N LEU A 25 -13.05 2.16 2.19
CA LEU A 25 -13.30 1.83 3.58
C LEU A 25 -12.80 2.91 4.54
N GLY A 26 -13.43 3.06 5.70
CA GLY A 26 -13.01 4.06 6.67
C GLY A 26 -13.16 5.48 6.15
N ASP A 27 -12.10 6.28 6.27
CA ASP A 27 -12.11 7.67 5.80
C ASP A 27 -11.64 7.90 4.35
N ALA A 28 -11.38 6.83 3.60
CA ALA A 28 -10.94 6.96 2.23
C ALA A 28 -12.14 7.33 1.40
N THR A 29 -11.89 8.25 0.51
CA THR A 29 -12.94 8.72 -0.37
C THR A 29 -12.53 8.95 -1.80
N ARG A 30 -13.49 8.87 -2.72
CA ARG A 30 -13.19 9.14 -4.13
C ARG A 30 -13.37 10.65 -4.37
N ILE A 31 -12.42 11.35 -4.93
CA ILE A 31 -12.58 12.77 -5.21
C ILE A 31 -12.32 12.94 -6.73
N PRO A 32 -12.67 14.05 -7.45
CA PRO A 32 -12.31 14.23 -8.85
C PRO A 32 -10.80 14.06 -9.08
N GLY A 33 -10.40 13.04 -9.83
CA GLY A 33 -8.99 12.84 -10.12
C GLY A 33 -8.15 12.01 -9.16
N ALA A 34 -8.70 11.59 -8.04
CA ALA A 34 -7.94 10.82 -7.07
C ALA A 34 -8.70 9.96 -6.07
N LEU A 35 -7.98 8.98 -5.54
CA LEU A 35 -8.51 8.15 -4.48
C LEU A 35 -7.87 8.87 -3.28
N GLN A 36 -8.64 9.49 -2.35
CA GLN A 36 -8.07 10.20 -1.19
C GLN A 36 -8.07 9.21 -0.01
N LEU A 37 -6.94 8.96 0.67
CA LEU A 37 -6.99 7.92 1.71
C LEU A 37 -7.44 8.18 3.16
N THR A 38 -7.22 9.40 3.64
CA THR A 38 -7.61 9.83 4.97
C THR A 38 -8.40 11.13 4.86
N LYS A 39 -8.99 11.54 5.97
CA LYS A 39 -9.83 12.72 5.98
C LYS A 39 -9.27 14.11 5.94
N THR A 40 -9.92 14.98 5.21
CA THR A 40 -9.54 16.39 5.16
C THR A 40 -10.76 17.25 5.49
N ASP A 41 -10.51 18.47 5.99
CA ASP A 41 -11.61 19.39 6.28
C ASP A 41 -11.98 20.07 4.94
N ALA A 42 -12.94 21.00 4.95
CA ALA A 42 -13.37 21.73 3.75
C ALA A 42 -12.28 22.27 2.80
N ASN A 43 -11.23 22.84 3.39
CA ASN A 43 -10.09 23.39 2.67
C ASN A 43 -9.05 22.35 2.22
N GLY A 44 -9.36 21.04 2.29
CA GLY A 44 -8.39 20.01 1.91
C GLY A 44 -7.25 19.92 2.94
N ASN A 45 -7.54 20.48 4.12
CA ASN A 45 -6.52 20.41 5.14
C ASN A 45 -6.69 19.12 5.93
N PRO A 46 -5.60 18.38 6.14
CA PRO A 46 -5.59 17.10 6.81
C PRO A 46 -6.06 17.06 8.26
N VAL A 47 -6.89 16.10 8.57
CA VAL A 47 -7.40 15.88 9.92
C VAL A 47 -6.42 14.98 10.74
N ARG A 48 -6.27 15.10 12.06
CA ARG A 48 -5.38 14.16 12.78
C ARG A 48 -6.10 12.81 13.03
N SER A 49 -5.43 11.72 13.42
CA SER A 49 -6.09 10.42 13.70
C SER A 49 -7.20 9.85 12.80
N SER A 50 -6.75 9.55 11.60
CA SER A 50 -7.64 9.02 10.59
C SER A 50 -7.05 7.84 9.81
N ALA A 51 -7.85 6.90 9.34
CA ALA A 51 -7.41 5.77 8.58
C ALA A 51 -8.42 5.45 7.48
N GLY A 52 -7.90 5.03 6.34
CA GLY A 52 -8.77 4.69 5.22
C GLY A 52 -8.08 3.76 4.25
N GLN A 53 -8.92 3.09 3.47
CA GLN A 53 -8.42 2.16 2.47
C GLN A 53 -9.18 2.19 1.15
N ALA A 54 -8.48 2.10 0.03
CA ALA A 54 -9.13 2.04 -1.27
C ALA A 54 -8.58 0.75 -1.86
N SER A 55 -9.44 -0.22 -2.08
CA SER A 55 -8.99 -1.50 -2.62
C SER A 55 -9.70 -1.96 -3.88
N TYR A 56 -9.09 -2.77 -4.72
CA TYR A 56 -9.77 -3.24 -5.90
C TYR A 56 -10.97 -4.07 -5.45
N SER A 57 -12.15 -3.94 -6.03
CA SER A 57 -13.31 -4.74 -5.58
C SER A 57 -13.22 -6.23 -5.84
N GLU A 58 -12.73 -6.71 -6.97
CA GLU A 58 -12.67 -8.14 -7.17
C GLU A 58 -11.58 -8.83 -6.34
N PRO A 59 -11.76 -10.07 -5.88
CA PRO A 59 -10.70 -10.89 -5.32
C PRO A 59 -9.60 -11.21 -6.33
N VAL A 60 -8.36 -11.22 -5.89
CA VAL A 60 -7.25 -11.52 -6.76
C VAL A 60 -6.67 -12.90 -6.44
N PHE A 61 -6.58 -13.79 -7.43
CA PHE A 61 -6.01 -15.09 -7.23
C PHE A 61 -4.52 -15.00 -7.05
N LEU A 62 -4.04 -15.62 -6.00
CA LEU A 62 -2.62 -15.67 -5.77
C LEU A 62 -1.97 -17.06 -5.95
N TRP A 63 -2.59 -18.10 -5.42
CA TRP A 63 -2.04 -19.44 -5.51
C TRP A 63 -3.09 -20.50 -5.25
N ASP A 64 -2.80 -21.74 -5.58
CA ASP A 64 -3.73 -22.79 -5.22
C ASP A 64 -2.93 -24.03 -4.88
N SER A 65 -3.60 -25.04 -4.36
CA SER A 65 -2.95 -26.30 -3.99
C SER A 65 -2.13 -26.96 -5.10
N THR A 66 -2.61 -26.84 -6.35
CA THR A 66 -1.96 -27.44 -7.51
C THR A 66 -0.64 -26.84 -8.00
N GLY A 67 0.02 -26.00 -7.19
CA GLY A 67 1.28 -25.37 -7.56
C GLY A 67 1.16 -24.04 -8.32
N LYS A 68 0.03 -23.78 -9.01
CA LYS A 68 -0.20 -22.53 -9.74
C LYS A 68 -0.14 -21.33 -8.81
N ALA A 69 0.72 -20.40 -9.16
CA ALA A 69 0.91 -19.19 -8.40
C ALA A 69 1.11 -17.98 -9.33
N ALA A 70 0.48 -16.89 -8.91
CA ALA A 70 0.55 -15.64 -9.63
C ALA A 70 1.72 -14.70 -9.33
N SER A 71 2.37 -14.36 -10.43
CA SER A 71 3.42 -13.36 -10.37
C SER A 71 2.65 -12.09 -10.70
N PHE A 72 3.11 -10.93 -10.26
CA PHE A 72 2.39 -9.71 -10.55
C PHE A 72 3.24 -8.46 -10.59
N TYR A 73 2.66 -7.47 -11.20
CA TYR A 73 3.24 -6.16 -11.25
C TYR A 73 2.13 -5.08 -11.09
N THR A 74 2.36 -4.13 -10.21
CA THR A 74 1.45 -3.03 -10.00
C THR A 74 2.22 -1.72 -10.06
N SER A 75 1.67 -0.69 -10.64
CA SER A 75 2.35 0.61 -10.67
C SER A 75 1.32 1.66 -10.31
N PHE A 76 1.74 2.75 -9.70
CA PHE A 76 0.79 3.76 -9.34
C PHE A 76 1.52 5.03 -9.08
N THR A 77 0.84 6.15 -9.28
CA THR A 77 1.48 7.40 -8.96
C THR A 77 0.66 7.96 -7.82
N PHE A 78 1.38 8.61 -6.92
CA PHE A 78 0.73 9.19 -5.78
C PHE A 78 1.35 10.51 -5.37
N LEU A 79 0.51 11.29 -4.69
CA LEU A 79 0.92 12.56 -4.14
C LEU A 79 0.67 12.49 -2.63
N LEU A 80 1.77 12.38 -1.89
CA LEU A 80 1.71 12.37 -0.44
C LEU A 80 1.86 13.87 -0.09
N LYS A 81 0.77 14.58 0.16
CA LYS A 81 0.78 15.99 0.48
C LYS A 81 1.10 16.28 1.96
N ASN A 82 2.17 17.04 2.18
CA ASN A 82 2.69 17.43 3.50
C ASN A 82 2.52 18.92 3.81
N TYR A 83 2.05 19.23 5.01
CA TYR A 83 1.84 20.58 5.47
C TYR A 83 2.84 21.01 6.51
N GLY A 84 4.07 20.65 6.30
CA GLY A 84 5.17 20.97 7.20
C GLY A 84 6.10 19.78 7.21
N ALA A 85 7.16 19.79 8.01
CA ALA A 85 8.03 18.64 8.06
C ALA A 85 8.43 18.43 9.51
N PRO A 86 8.43 17.24 10.11
CA PRO A 86 7.96 16.00 9.54
C PRO A 86 6.45 15.90 9.58
N THR A 87 5.91 14.83 9.06
CA THR A 87 4.48 14.61 9.06
C THR A 87 4.25 13.16 9.48
N ALA A 88 3.01 12.71 9.64
CA ALA A 88 2.76 11.32 10.01
C ALA A 88 1.45 10.84 9.42
N ASP A 89 1.20 9.58 9.07
CA ASP A 89 2.11 8.43 9.21
C ASP A 89 2.65 7.68 8.01
N GLY A 90 2.02 7.95 6.87
CA GLY A 90 2.41 7.31 5.63
C GLY A 90 1.27 6.56 4.95
N LEU A 91 1.68 5.74 3.98
CA LEU A 91 0.73 4.98 3.19
C LEU A 91 1.31 3.60 2.90
N ALA A 92 0.49 2.71 2.38
CA ALA A 92 0.96 1.38 2.02
C ALA A 92 0.10 0.75 0.97
N PHE A 93 0.81 -0.02 0.17
CA PHE A 93 0.15 -0.81 -0.85
C PHE A 93 0.01 -2.18 -0.15
N PHE A 94 -1.11 -2.89 -0.18
CA PHE A 94 -1.16 -4.16 0.54
C PHE A 94 -1.93 -5.26 -0.15
N LEU A 95 -1.76 -6.43 0.42
CA LEU A 95 -2.46 -7.64 0.00
C LEU A 95 -2.88 -8.26 1.34
N ALA A 96 -4.18 -8.42 1.45
CA ALA A 96 -4.77 -8.98 2.65
C ALA A 96 -5.94 -9.93 2.37
N PRO A 97 -6.56 -10.68 3.32
CA PRO A 97 -7.75 -11.51 3.05
C PRO A 97 -8.93 -10.70 2.48
N VAL A 98 -9.73 -11.29 1.61
CA VAL A 98 -10.88 -10.61 0.97
C VAL A 98 -11.93 -9.92 1.88
N ASP A 99 -12.07 -10.56 3.02
CA ASP A 99 -12.95 -10.20 4.14
C ASP A 99 -12.34 -9.19 5.16
N SER A 100 -11.08 -8.81 5.06
CA SER A 100 -10.51 -7.88 6.04
C SER A 100 -11.00 -6.45 5.84
N SER A 101 -10.83 -5.64 6.86
CA SER A 101 -11.25 -4.26 6.80
C SER A 101 -10.20 -3.33 7.35
N VAL A 102 -10.45 -2.01 7.29
CA VAL A 102 -9.48 -1.04 7.80
C VAL A 102 -9.33 -1.15 9.31
N LYS A 103 -8.12 -1.08 9.76
CA LYS A 103 -7.84 -1.20 11.17
C LYS A 103 -7.34 0.06 11.83
N ASP A 104 -6.35 0.08 12.71
CA ASP A 104 -6.00 1.33 13.35
C ASP A 104 -5.28 2.41 12.62
N TYR A 105 -5.52 3.63 13.05
CA TYR A 105 -4.83 4.72 12.40
C TYR A 105 -3.44 4.97 12.96
N GLY A 106 -2.86 6.14 12.70
CA GLY A 106 -1.51 6.39 13.17
C GLY A 106 -0.50 5.48 12.47
N GLY A 107 0.60 5.14 13.12
CA GLY A 107 1.66 4.29 12.57
C GLY A 107 1.26 2.87 12.11
N PHE A 108 0.05 2.41 12.41
CA PHE A 108 -0.41 1.10 11.95
C PHE A 108 -0.89 1.12 10.50
N LEU A 109 -0.97 2.35 9.96
CA LEU A 109 -1.34 2.57 8.57
C LEU A 109 -2.66 1.97 8.06
N GLY A 110 -3.62 1.80 8.98
CA GLY A 110 -4.93 1.22 8.71
C GLY A 110 -4.85 -0.29 8.50
N LEU A 111 -3.67 -0.84 8.76
CA LEU A 111 -3.48 -2.25 8.51
C LEU A 111 -3.44 -3.23 9.66
N PHE A 112 -3.14 -2.67 10.82
CA PHE A 112 -3.01 -3.44 12.03
C PHE A 112 -3.77 -2.82 13.20
N ARG A 113 -4.08 -3.68 14.14
CA ARG A 113 -4.74 -3.30 15.39
C ARG A 113 -3.59 -3.17 16.43
N HIS A 114 -3.45 -2.04 17.11
CA HIS A 114 -2.43 -1.81 18.12
C HIS A 114 -1.94 -2.99 18.99
N GLU A 115 -2.92 -3.78 19.46
CA GLU A 115 -2.68 -4.94 20.34
C GLU A 115 -1.93 -6.12 19.75
N THR A 116 -2.12 -6.33 18.45
CA THR A 116 -1.48 -7.46 17.79
C THR A 116 -0.52 -7.17 16.66
N ALA A 117 -0.14 -5.89 16.54
CA ALA A 117 0.75 -5.40 15.50
C ALA A 117 2.17 -6.00 15.37
N ALA A 118 2.78 -6.43 16.46
CA ALA A 118 4.12 -7.00 16.47
C ALA A 118 4.08 -8.52 16.61
N ASP A 119 2.90 -9.07 16.41
CA ASP A 119 2.68 -10.51 16.50
C ASP A 119 2.33 -11.11 15.12
N PRO A 120 3.29 -11.71 14.43
CA PRO A 120 3.04 -12.34 13.14
C PRO A 120 1.92 -13.40 13.10
N SER A 121 1.72 -14.14 14.21
CA SER A 121 0.70 -15.20 14.22
C SER A 121 -0.73 -14.73 14.18
N LYS A 122 -0.90 -13.47 14.55
CA LYS A 122 -2.23 -12.85 14.58
C LYS A 122 -2.57 -11.99 13.37
N ASN A 123 -1.69 -11.89 12.38
CA ASN A 123 -1.97 -11.09 11.18
C ASN A 123 -1.69 -11.85 9.90
N GLN A 124 -2.49 -11.54 8.89
CA GLN A 124 -2.32 -12.09 7.53
C GLN A 124 -2.32 -10.92 6.55
N VAL A 125 -1.16 -10.32 6.37
CA VAL A 125 -1.01 -9.18 5.48
C VAL A 125 0.44 -8.95 5.09
N VAL A 126 0.59 -8.61 3.81
CA VAL A 126 1.88 -8.26 3.21
C VAL A 126 1.62 -6.88 2.61
N ALA A 127 2.50 -5.99 3.02
CA ALA A 127 2.43 -4.61 2.59
C ALA A 127 3.76 -3.95 2.32
N VAL A 128 3.73 -3.01 1.37
CA VAL A 128 4.89 -2.23 1.08
C VAL A 128 4.52 -0.87 1.67
N GLU A 129 5.22 -0.45 2.71
CA GLU A 129 4.92 0.81 3.35
C GLU A 129 5.88 1.93 3.02
N PHE A 130 5.33 3.12 2.94
CA PHE A 130 6.05 4.34 2.66
C PHE A 130 5.78 5.11 3.95
N ASP A 131 6.71 4.89 4.88
CA ASP A 131 6.64 5.43 6.21
C ASP A 131 7.24 6.80 6.48
N THR A 132 6.41 7.77 6.85
CA THR A 132 6.88 9.14 7.14
C THR A 132 7.20 9.48 8.60
N TRP A 133 6.84 8.59 9.52
CA TRP A 133 7.02 8.78 10.94
C TRP A 133 7.80 7.72 11.68
N ILE A 134 8.77 8.21 12.42
CA ILE A 134 9.55 7.26 13.18
C ILE A 134 8.87 6.87 14.49
N ASN A 135 8.24 5.70 14.47
CA ASN A 135 7.64 5.14 15.66
C ASN A 135 8.73 4.28 16.33
N LYS A 136 9.40 4.98 17.25
CA LYS A 136 10.47 4.42 18.06
C LYS A 136 10.04 3.15 18.78
N ASP A 137 8.82 3.25 19.29
CA ASP A 137 8.21 2.15 20.00
C ASP A 137 7.81 0.90 19.19
N TRP A 138 7.84 0.92 17.86
CA TRP A 138 7.50 -0.26 17.05
C TRP A 138 8.64 -0.66 16.13
N ASN A 139 9.84 -0.26 16.55
CA ASN A 139 11.09 -0.54 15.83
C ASN A 139 11.35 0.12 14.47
N ASP A 140 10.77 1.29 14.22
CA ASP A 140 11.07 1.97 12.97
C ASP A 140 12.52 2.36 12.91
N PRO A 141 13.21 2.23 11.78
CA PRO A 141 14.51 2.86 11.62
C PRO A 141 14.46 4.39 11.87
N PRO A 142 15.58 5.03 12.22
CA PRO A 142 15.62 6.43 12.61
C PRO A 142 15.56 7.45 11.46
N TYR A 143 14.70 7.19 10.47
CA TYR A 143 14.51 8.07 9.32
C TYR A 143 13.24 7.69 8.61
N PRO A 144 12.59 8.56 7.81
CA PRO A 144 11.57 8.10 6.88
C PRO A 144 12.12 6.94 6.04
N HIS A 145 11.31 5.94 5.82
CA HIS A 145 11.74 4.76 5.11
C HIS A 145 10.65 4.08 4.28
N ILE A 146 11.10 3.23 3.39
CA ILE A 146 10.20 2.41 2.59
C ILE A 146 10.40 1.05 3.25
N GLY A 147 9.38 0.26 3.49
CA GLY A 147 9.60 -1.06 4.10
C GLY A 147 8.68 -2.14 3.59
N ILE A 148 9.07 -3.40 3.81
CA ILE A 148 8.25 -4.54 3.42
C ILE A 148 7.82 -5.15 4.74
N ASP A 149 6.51 -5.26 4.88
CA ASP A 149 5.86 -5.78 6.06
C ASP A 149 5.20 -7.10 5.82
N VAL A 150 5.57 -8.07 6.62
CA VAL A 150 5.00 -9.39 6.46
C VAL A 150 4.40 -9.76 7.83
N ASN A 151 3.07 -9.73 7.91
CA ASN A 151 2.28 -10.06 9.10
C ASN A 151 2.55 -9.28 10.38
N SER A 152 3.18 -8.14 10.23
CA SER A 152 3.53 -7.31 11.36
C SER A 152 3.94 -5.91 10.92
N ILE A 153 3.71 -4.87 11.73
CA ILE A 153 4.11 -3.51 11.39
C ILE A 153 5.64 -3.37 11.46
N VAL A 154 6.38 -4.29 12.09
CA VAL A 154 7.84 -4.23 12.19
C VAL A 154 8.36 -4.86 10.90
N SER A 155 8.74 -4.04 9.93
CA SER A 155 9.20 -4.45 8.61
C SER A 155 10.29 -5.49 8.50
N VAL A 156 10.19 -6.49 7.64
CA VAL A 156 11.28 -7.47 7.56
C VAL A 156 12.51 -6.86 6.86
N ALA A 157 12.35 -5.71 6.20
CA ALA A 157 13.41 -5.01 5.48
C ALA A 157 12.97 -3.57 5.17
N THR A 158 13.91 -2.65 5.16
CA THR A 158 13.61 -1.25 4.89
C THR A 158 14.72 -0.56 4.10
N THR A 159 14.53 0.61 3.53
CA THR A 159 15.61 1.29 2.87
C THR A 159 15.31 2.75 3.17
N ARG A 160 16.32 3.57 3.30
CA ARG A 160 16.12 4.98 3.59
C ARG A 160 15.31 5.75 2.54
N TRP A 161 14.38 6.58 2.99
CA TRP A 161 13.56 7.45 2.09
C TRP A 161 14.05 8.86 2.48
N GLU A 162 14.75 9.61 1.64
CA GLU A 162 15.20 10.93 2.07
C GLU A 162 14.13 11.96 2.44
N ASN A 163 14.42 12.71 3.50
CA ASN A 163 13.54 13.74 4.02
C ASN A 163 12.93 14.61 2.98
N ASP A 164 13.74 14.99 2.03
CA ASP A 164 13.29 15.81 0.93
C ASP A 164 12.26 15.17 0.02
N ASP A 165 12.32 13.85 -0.08
CA ASP A 165 11.35 13.17 -0.92
C ASP A 165 10.16 12.84 -0.06
N ALA A 166 10.37 12.29 1.14
CA ALA A 166 9.27 11.94 2.04
C ALA A 166 8.35 13.10 2.40
N TYR A 167 8.95 14.28 2.64
CA TYR A 167 8.17 15.46 2.98
C TYR A 167 8.15 16.51 1.88
N GLY A 168 8.54 16.21 0.65
CA GLY A 168 8.55 17.21 -0.40
C GLY A 168 7.27 17.40 -1.16
N SER A 169 6.24 16.57 -0.99
CA SER A 169 4.98 16.71 -1.74
C SER A 169 5.03 16.72 -3.27
N SER A 170 5.92 15.94 -3.89
CA SER A 170 5.99 15.82 -5.35
C SER A 170 5.30 14.53 -5.75
N ILE A 171 4.80 14.43 -6.98
CA ILE A 171 4.19 13.19 -7.43
C ILE A 171 5.31 12.18 -7.58
N ALA A 172 5.09 10.98 -7.07
CA ALA A 172 6.06 9.91 -7.18
C ALA A 172 5.40 8.71 -7.86
N THR A 173 6.21 7.94 -8.56
CA THR A 173 5.78 6.76 -9.25
C THR A 173 6.35 5.50 -8.63
N ALA A 174 5.51 4.54 -8.28
CA ALA A 174 5.97 3.29 -7.70
C ALA A 174 5.69 2.09 -8.57
N HIS A 175 6.62 1.14 -8.57
CA HIS A 175 6.50 -0.10 -9.30
C HIS A 175 6.76 -1.18 -8.27
N ILE A 176 5.82 -2.09 -8.10
CA ILE A 176 6.01 -3.20 -7.17
C ILE A 176 5.86 -4.49 -7.97
N THR A 177 6.80 -5.43 -7.87
CA THR A 177 6.68 -6.67 -8.63
C THR A 177 6.85 -7.86 -7.73
N TYR A 178 6.22 -8.95 -8.06
CA TYR A 178 6.39 -10.15 -7.30
C TYR A 178 6.60 -11.27 -8.31
N ASP A 179 7.70 -12.03 -8.14
CA ASP A 179 8.02 -13.15 -8.98
C ASP A 179 7.59 -14.38 -8.15
N ALA A 180 6.53 -15.09 -8.54
CA ALA A 180 6.03 -16.26 -7.82
C ALA A 180 6.92 -17.49 -7.89
N ARG A 181 7.84 -17.58 -8.86
CA ARG A 181 8.76 -18.70 -8.97
C ARG A 181 9.91 -18.45 -8.00
N SER A 182 10.61 -17.32 -8.00
CA SER A 182 11.66 -17.15 -7.03
C SER A 182 11.28 -16.55 -5.69
N LYS A 183 9.99 -16.26 -5.45
CA LYS A 183 9.42 -15.65 -4.21
C LYS A 183 10.06 -14.33 -3.84
N ILE A 184 10.21 -13.48 -4.84
CA ILE A 184 10.82 -12.19 -4.61
C ILE A 184 9.88 -11.00 -4.87
N LEU A 185 9.82 -10.11 -3.87
CA LEU A 185 9.03 -8.91 -3.89
C LEU A 185 10.03 -7.75 -4.04
N THR A 186 9.81 -6.89 -5.04
CA THR A 186 10.68 -5.74 -5.34
C THR A 186 9.83 -4.48 -5.40
N VAL A 187 10.36 -3.42 -4.82
CA VAL A 187 9.73 -2.12 -4.81
C VAL A 187 10.71 -1.12 -5.47
N LEU A 188 10.18 -0.37 -6.41
CA LEU A 188 10.93 0.69 -7.08
C LEU A 188 10.11 1.97 -6.93
N LEU A 189 10.72 3.00 -6.38
CA LEU A 189 10.07 4.29 -6.22
C LEU A 189 10.94 5.33 -6.98
N SER A 190 10.30 6.05 -7.87
CA SER A 190 10.96 7.07 -8.68
C SER A 190 10.37 8.48 -8.64
N TYR A 191 11.20 9.51 -8.63
CA TYR A 191 10.75 10.90 -8.66
C TYR A 191 11.32 11.40 -9.96
N GLU A 192 10.47 12.05 -10.70
CA GLU A 192 10.80 12.58 -12.00
C GLU A 192 12.11 13.31 -12.12
N HIS A 193 12.43 14.28 -11.31
CA HIS A 193 13.78 14.81 -11.60
C HIS A 193 14.67 14.56 -10.41
N GLY A 194 14.39 13.42 -9.81
CA GLY A 194 15.12 13.06 -8.62
C GLY A 194 15.76 11.71 -8.67
N ARG A 195 15.75 11.10 -7.50
CA ARG A 195 16.37 9.80 -7.36
C ARG A 195 15.36 8.68 -7.35
N ASP A 196 15.94 7.52 -7.37
CA ASP A 196 15.17 6.29 -7.33
C ASP A 196 15.48 5.56 -6.02
N TYR A 197 14.56 4.71 -5.61
CA TYR A 197 14.68 3.93 -4.41
C TYR A 197 14.37 2.50 -4.78
N ILE A 198 15.22 1.59 -4.31
CA ILE A 198 15.13 0.18 -4.63
C ILE A 198 15.08 -0.66 -3.37
N LEU A 199 14.12 -1.57 -3.23
CA LEU A 199 14.11 -2.43 -2.06
C LEU A 199 13.52 -3.75 -2.50
N SER A 200 14.22 -4.86 -2.32
CA SER A 200 13.73 -6.18 -2.73
C SER A 200 13.94 -7.14 -1.59
N HIS A 201 13.08 -8.11 -1.47
CA HIS A 201 13.21 -9.09 -0.41
C HIS A 201 12.54 -10.41 -0.75
N VAL A 202 13.12 -11.50 -0.30
CA VAL A 202 12.49 -12.78 -0.55
C VAL A 202 11.29 -12.95 0.40
N VAL A 203 10.10 -13.25 -0.10
CA VAL A 203 8.89 -13.50 0.69
C VAL A 203 7.96 -14.38 -0.14
N ASP A 204 7.61 -15.55 0.41
CA ASP A 204 6.72 -16.49 -0.27
C ASP A 204 5.30 -16.19 0.14
N LEU A 205 4.60 -15.53 -0.76
CA LEU A 205 3.22 -15.14 -0.55
C LEU A 205 2.28 -16.29 -0.22
N ALA A 206 2.50 -17.41 -0.91
CA ALA A 206 1.76 -18.68 -0.74
C ALA A 206 1.83 -19.15 0.72
N LYS A 207 2.95 -18.92 1.37
CA LYS A 207 3.11 -19.30 2.76
C LYS A 207 2.50 -18.30 3.71
N VAL A 208 2.24 -17.03 3.38
CA VAL A 208 1.66 -16.11 4.34
C VAL A 208 0.26 -15.58 4.08
N LEU A 209 -0.26 -15.73 2.87
CA LEU A 209 -1.57 -15.21 2.53
C LEU A 209 -2.48 -16.30 2.02
N PRO A 210 -3.79 -16.20 2.13
CA PRO A 210 -4.69 -17.16 1.50
C PRO A 210 -4.62 -17.15 -0.03
N GLN A 211 -5.23 -18.15 -0.62
CA GLN A 211 -5.27 -18.31 -2.05
C GLN A 211 -5.86 -17.16 -2.84
N LYS A 212 -6.80 -16.43 -2.26
CA LYS A 212 -7.38 -15.29 -2.96
C LYS A 212 -7.26 -14.09 -2.03
N VAL A 213 -6.83 -12.93 -2.51
CA VAL A 213 -6.67 -11.77 -1.63
C VAL A 213 -7.33 -10.49 -2.12
N ARG A 214 -7.38 -9.44 -1.33
CA ARG A 214 -7.88 -8.16 -1.83
C ARG A 214 -6.59 -7.32 -1.87
N ILE A 215 -6.52 -6.45 -2.88
CA ILE A 215 -5.35 -5.58 -3.05
C ILE A 215 -5.71 -4.12 -2.96
N GLY A 216 -4.86 -3.27 -2.47
CA GLY A 216 -5.25 -1.87 -2.42
C GLY A 216 -4.28 -1.00 -1.71
N PHE A 217 -4.75 0.17 -1.35
CA PHE A 217 -3.95 1.17 -0.68
C PHE A 217 -4.49 1.44 0.70
N SER A 218 -3.66 1.60 1.71
CA SER A 218 -4.12 1.86 3.06
C SER A 218 -3.30 2.98 3.66
N ALA A 219 -3.92 3.90 4.37
CA ALA A 219 -3.14 4.96 5.00
C ALA A 219 -3.67 5.17 6.42
N GLY A 220 -2.76 5.72 7.21
CA GLY A 220 -3.02 6.04 8.57
C GLY A 220 -2.33 7.34 8.92
N VAL A 221 -3.03 8.23 9.61
CA VAL A 221 -2.47 9.49 10.09
C VAL A 221 -2.84 9.59 11.57
N GLY A 222 -2.20 10.31 12.44
CA GLY A 222 -1.05 11.15 12.13
C GLY A 222 -1.46 12.62 12.04
N TYR A 223 -0.68 13.43 11.35
CA TYR A 223 -0.99 14.83 11.27
C TYR A 223 -0.28 15.49 10.09
N ASP A 224 -0.82 16.63 9.65
CA ASP A 224 -0.25 17.42 8.56
C ASP A 224 0.08 16.69 7.26
N GLU A 225 -0.73 15.71 6.97
CA GLU A 225 -0.50 14.88 5.81
C GLU A 225 -1.74 14.22 5.26
N VAL A 226 -1.76 14.04 3.95
CA VAL A 226 -2.84 13.33 3.30
C VAL A 226 -2.31 12.73 1.98
N THR A 227 -2.68 11.50 1.65
CA THR A 227 -2.23 10.86 0.42
C THR A 227 -3.31 10.70 -0.63
N TYR A 228 -2.98 11.09 -1.85
CA TYR A 228 -3.88 10.96 -2.98
C TYR A 228 -3.31 9.96 -4.00
N ILE A 229 -4.02 8.93 -4.42
CA ILE A 229 -3.52 7.98 -5.42
C ILE A 229 -4.04 8.56 -6.76
N LEU A 230 -3.12 8.81 -7.68
CA LEU A 230 -3.51 9.40 -8.97
C LEU A 230 -3.73 8.50 -10.17
N SER A 231 -3.17 7.30 -10.15
CA SER A 231 -3.30 6.30 -11.23
C SER A 231 -2.95 4.95 -10.67
N TRP A 232 -3.42 3.88 -11.30
CA TRP A 232 -3.15 2.53 -10.80
C TRP A 232 -3.29 1.49 -11.91
N HIS A 233 -2.28 0.66 -11.98
CA HIS A 233 -2.23 -0.43 -12.92
C HIS A 233 -1.82 -1.68 -12.15
N PHE A 234 -2.49 -2.78 -12.47
CA PHE A 234 -2.19 -4.08 -11.88
C PHE A 234 -2.24 -5.13 -12.98
N PHE A 235 -1.25 -6.01 -13.02
CA PHE A 235 -1.22 -7.09 -13.98
C PHE A 235 -0.71 -8.36 -13.29
N SER A 236 -1.40 -9.51 -13.37
CA SER A 236 -0.85 -10.75 -12.80
C SER A 236 -0.82 -11.82 -13.89
N THR A 237 0.14 -12.70 -13.75
CA THR A 237 0.37 -13.79 -14.69
C THR A 237 0.67 -15.10 -13.98
N LEU A 238 0.22 -16.24 -14.50
CA LEU A 238 0.55 -17.54 -13.89
C LEU A 238 1.82 -18.17 -14.52
N ASP A 239 2.42 -17.49 -15.51
CA ASP A 239 3.64 -17.89 -16.19
C ASP A 239 4.69 -18.62 -15.39
N GLY A 240 5.10 -19.79 -15.88
CA GLY A 240 6.11 -20.59 -15.20
C GLY A 240 5.58 -21.43 -14.01
N THR A 241 4.30 -21.42 -13.59
CA THR A 241 3.85 -22.26 -12.45
C THR A 241 2.90 -23.37 -12.92
N ASN A 242 3.45 -23.96 -13.99
CA ASN A 242 2.94 -25.06 -14.81
C ASN A 242 1.78 -24.73 -15.73
N LYS A 243 1.35 -23.50 -15.55
CA LYS A 243 0.30 -22.84 -16.29
C LYS A 243 1.06 -21.59 -16.85
C1 MAG B . 0.64 10.04 22.37
C2 MAG B . 0.84 9.01 21.21
C3 MAG B . 0.37 9.73 19.94
C4 MAG B . -1.09 10.28 20.11
C5 MAG B . -1.41 11.07 21.47
C6 MAG B . -2.96 11.15 21.92
C7 MAG B . 2.67 7.35 21.43
C8 MAG B . 4.15 6.99 21.39
N2 MAG B . 2.28 8.59 21.14
O1 MAG B . 0.84 9.00 23.39
O3 MAG B . 0.40 8.77 18.82
O4 MAG B . -1.24 11.22 19.03
O5 MAG B . -0.74 10.44 22.56
O6 MAG B . -3.50 9.88 22.23
O7 MAG B . 1.86 6.44 21.62
CM MAG B . 1.27 9.44 24.67
C1 GAL B . 1.51 8.85 17.92
C2 GAL B . 1.36 7.72 16.91
C3 GAL B . 2.36 7.90 15.73
C4 GAL B . 2.24 9.32 15.12
C5 GAL B . 2.48 10.35 16.24
C6 GAL B . 2.33 11.80 15.68
O2 GAL B . 1.61 6.45 17.56
O3 GAL B . 2.09 6.92 14.72
O4 GAL B . 0.97 9.54 14.49
O5 GAL B . 1.48 10.11 17.26
O6 GAL B . 2.70 12.78 16.63
C1 FUC B . 0.78 5.35 17.25
C2 FUC B . 1.41 4.02 17.80
C3 FUC B . 1.21 3.95 19.34
C4 FUC B . -0.26 4.31 19.75
C5 FUC B . -0.60 5.74 19.18
C6 FUC B . -1.95 6.30 19.56
O2 FUC B . 2.83 3.92 17.44
O3 FUC B . 1.51 2.63 19.79
O4 FUC B . -1.22 3.32 19.34
O5 FUC B . -0.52 5.69 17.71
C1 FUC B . -2.55 11.39 18.42
C2 FUC B . -2.44 12.51 17.41
C3 FUC B . -1.49 12.12 16.25
C4 FUC B . -1.97 10.80 15.63
C5 FUC B . -2.07 9.71 16.75
C6 FUC B . -2.60 8.38 16.25
O2 FUC B . -1.93 13.69 18.03
O3 FUC B . -1.44 13.13 15.26
O4 FUC B . -3.24 11.00 14.97
O5 FUC B . -2.98 10.16 17.80
C1 NAG C . -18.15 1.29 0.48
C2 NAG C . -18.34 2.07 1.73
C3 NAG C . -17.81 1.25 2.91
C4 NAG C . -18.51 -0.04 3.00
C5 NAG C . -18.36 -0.81 1.72
C6 NAG C . -19.14 -2.14 1.75
C7 NAG C . -18.32 4.47 1.35
C8 NAG C . -17.59 5.79 1.23
N2 NAG C . -17.67 3.35 1.60
O3 NAG C . -18.01 1.93 4.13
O4 NAG C . -17.96 -0.79 4.07
O5 NAG C . -18.82 0.02 0.60
O6 NAG C . -18.58 -3.00 0.79
O7 NAG C . -19.53 4.44 1.13
C1 FUC C . -16.94 2.75 4.59
C2 FUC C . -17.55 3.87 5.41
C3 FUC C . -18.10 3.30 6.73
C4 FUC C . -17.09 2.39 7.47
C5 FUC C . -16.56 1.32 6.49
C6 FUC C . -15.48 0.40 7.04
O2 FUC C . -18.62 4.53 4.70
O3 FUC C . -18.40 4.40 7.58
O4 FUC C . -16.02 3.17 8.02
O5 FUC C . -16.00 1.95 5.33
C1 NAG C . -18.89 -1.31 5.00
C2 NAG C . -18.07 -2.18 5.90
C3 NAG C . -19.04 -2.81 6.93
C4 NAG C . -19.71 -1.68 7.72
C5 NAG C . -20.43 -0.69 6.77
C6 NAG C . -20.92 0.60 7.50
C7 NAG C . -16.02 -3.47 5.40
C8 NAG C . -15.34 -4.55 4.59
N2 NAG C . -17.31 -3.20 5.15
O3 NAG C . -18.32 -3.69 7.77
O4 NAG C . -20.66 -2.21 8.67
O5 NAG C . -19.53 -0.26 5.71
O6 NAG C . -21.74 1.37 6.62
O7 NAG C . -15.44 -2.87 6.29
MN MN D . 8.09 1.59 9.36
CA CA E . 6.16 4.68 11.35
S SO4 F . -12.82 4.69 -11.96
O1 SO4 F . -12.78 4.11 -13.27
O2 SO4 F . -12.31 6.04 -11.99
O3 SO4 F . -14.18 4.68 -11.53
O4 SO4 F . -12.05 3.90 -11.03
#